data_7XD6
#
_entry.id   7XD6
#
_cell.length_a   1.00
_cell.length_b   1.00
_cell.length_c   1.00
_cell.angle_alpha   90.00
_cell.angle_beta   90.00
_cell.angle_gamma   90.00
#
_symmetry.space_group_name_H-M   'P 1'
#
loop_
_entity.id
_entity.type
_entity.pdbx_description
1 polymer "The Tet-S2 state with a pseudoknotted 4-way junction molecule of co-transcriptional folded wild-type Tetrahymena group I intron with 30nt 3'/5'-exon (intron and 3'-exon)"
2 polymer "The Tet-S2 state with a pseudoknotted 4-way junction molecule of co-transcriptional folded wild-type Tetrahymena group I intron with 30nt 3'/5'-exon (5'-exon)"
3 non-polymer 'MAGNESIUM ION'
4 non-polymer SPERMIDINE
#
loop_
_entity_poly.entity_id
_entity_poly.type
_entity_poly.pdbx_seq_one_letter_code
_entity_poly.pdbx_strand_id
1 'polyribonucleotide'
;AUAGCAAUAUUUACCUUUGGAGGGAAAAGUUAUCAGGCAUGCACCUGGUAGCUAGUCUUUAAACCAAUAGAUUGCAUCGG
UUUAAAAGGCAAGACCGUCAAAUUGCGGGAAAGGGGUCAACAGCCGUUCAGUACCAAGUCUCAGGGGAAACUUUGAGAUG
GCCUUGCAAAGGGUAUGGUAAUAAGCUGACGGACAUGGUCCUAACCACGCAGCCAAGUCCUAAGUCAACAGAUCUUCUGU
UGAUAUGGAUGCAGUUCACAGACUAAAUGUCGGUCGGGGAAGAUGUAUUCUUCUCAUAAGAUAUAGUCGGACCUCUCCUU
AAUGGGAGCUAGCGGAUGAAGUGAUGCAACACUGGAGCCGCUGGGAACUAAUUUGUAUGCGAAAGUAUAUUGAUUAGUUU
UGGAGUACUCGUAAGGUAGCCAAAUGCCUCGUCA
;
N
2 'polyribonucleotide' ACGGCGGGAGUAACUAUGACUCUCU A
#
loop_
_chem_comp.id
_chem_comp.type
_chem_comp.name
_chem_comp.formula
A RNA linking ADENOSINE-5'-MONOPHOSPHATE 'C10 H14 N5 O7 P'
C RNA linking CYTIDINE-5'-MONOPHOSPHATE 'C9 H14 N3 O8 P'
G RNA linking GUANOSINE-5'-MONOPHOSPHATE 'C10 H14 N5 O8 P'
MG non-polymer 'MAGNESIUM ION' 'Mg 2'
SPD non-polymer SPERMIDINE 'C7 H19 N3'
U RNA linking URIDINE-5'-MONOPHOSPHATE 'C9 H13 N2 O9 P'
#
# COMPACT_ATOMS: atom_id res chain seq x y z
MG MG C . 14.20 -0.38 -11.10
MG MG D . 7.67 7.66 -14.17
MG MG E . 8.42 -4.73 -24.85
MG MG F . 27.12 -7.71 -1.50
MG MG G . 22.74 -9.48 1.29
MG MG H . 19.48 -15.50 -2.81
MG MG I . 27.94 -21.63 10.39
MG MG J . 25.33 -11.22 14.11
MG MG K . 25.42 -2.78 31.02
MG MG L . 27.23 6.08 35.88
MG MG M . -4.68 0.23 7.20
MG MG N . -13.86 3.78 10.77
MG MG O . 12.33 4.47 14.08
MG MG P . 10.02 -0.19 1.13
MG MG Q . 3.77 4.77 -2.39
MG MG R . 3.44 10.44 -3.09
MG MG S . 9.87 13.02 -4.13
MG MG T . -1.51 2.97 -3.53
MG MG U . -11.65 2.79 -0.90
MG MG V . -21.55 -7.60 14.67
MG MG W . 13.59 -16.50 2.36
MG MG X . 13.56 -25.16 8.54
MG MG Y . 8.20 -26.39 -2.02
MG MG Z . 3.25 26.24 -16.73
MG MG AA . -1.18 7.88 -12.25
MG MG BA . 2.48 9.76 -13.39
MG MG CA . -1.21 16.96 -10.50
MG MG DA . -34.91 6.20 1.26
N1 SPD EA . -21.00 -1.70 -2.66
C2 SPD EA . -19.77 -1.19 -3.25
C3 SPD EA . -18.95 -0.42 -2.23
C4 SPD EA . -19.41 1.03 -2.11
C5 SPD EA . -19.53 1.69 -3.47
N6 SPD EA . -20.15 3.00 -3.35
C7 SPD EA . -19.14 3.98 -3.00
C8 SPD EA . -19.70 5.39 -3.20
C9 SPD EA . -18.69 6.46 -2.81
N10 SPD EA . -19.17 7.76 -3.25
#